data_2OZU
#
_entry.id   2OZU
#
_cell.length_a   58.850
_cell.length_b   104.045
_cell.length_c   109.589
_cell.angle_alpha   90.00
_cell.angle_beta   90.00
_cell.angle_gamma   90.00
#
_symmetry.space_group_name_H-M   'I 2 2 2'
#
loop_
_entity.id
_entity.type
_entity.pdbx_description
1 polymer 'Histone acetyltransferase MYST3'
2 non-polymer 'ZINC ION'
3 non-polymer 'ACETYL COENZYME *A'
4 non-polymer ACETAMIDE
5 water water
#
_entity_poly.entity_id   1
_entity_poly.type   'polypeptide(L)'
_entity_poly.pdbx_seq_one_letter_code
;GVTGPPDPQVRCPSVIEFGKYEIHTWYSSPYPQEYSRLPKLYLCEFCLKYMKSRTILQQHMKKCGWFHPPANEIYRKNNI
SVFEVDGNVSTIYCQNLCLLAKLFLDH(ALY)TLYYDVEPFLFYVLTQNDVKGCHLVGYFSKEKHCQQKYNVSCIMILPQ
YQRKGYGRFLIDFSYLLSKREGQAGSPEKPLSDLGRLSYMAYWKSVILECLYHQNDKQISIKKLSKLTGICPQDITSTLH
HLRMLDFRSDQFVIIRREKLIQDHMAKLQLNLRPVDVDPECLRWTPVI
;
_entity_poly.pdbx_strand_id   A
#
# COMPACT_ATOMS: atom_id res chain seq x y z
N ARG A 11 -3.54 15.69 14.90
CA ARG A 11 -4.24 16.25 16.10
C ARG A 11 -5.77 16.05 16.13
N CYS A 12 -6.45 16.12 14.99
CA CYS A 12 -7.92 15.95 14.95
C CYS A 12 -8.42 14.98 13.87
N PRO A 13 -8.82 13.76 14.26
CA PRO A 13 -8.72 13.17 15.60
C PRO A 13 -7.29 12.69 15.91
N SER A 14 -7.11 12.18 17.13
CA SER A 14 -5.79 11.93 17.69
C SER A 14 -5.55 10.43 17.83
N VAL A 15 -6.64 9.71 18.05
CA VAL A 15 -6.61 8.26 18.19
C VAL A 15 -7.82 7.71 17.47
N ILE A 16 -7.67 6.54 16.87
CA ILE A 16 -8.83 5.80 16.39
C ILE A 16 -8.87 4.39 16.98
N GLU A 17 -10.07 3.85 17.13
CA GLU A 17 -10.22 2.45 17.49
C GLU A 17 -10.56 1.72 16.18
N PHE A 18 -9.80 0.70 15.84
CA PHE A 18 -9.94 0.02 14.53
C PHE A 18 -9.80 -1.49 14.72
N GLY A 19 -10.94 -2.16 14.88
CA GLY A 19 -10.97 -3.57 15.27
C GLY A 19 -10.43 -3.71 16.68
N LYS A 20 -9.50 -4.65 16.86
CA LYS A 20 -8.85 -4.86 18.17
C LYS A 20 -7.77 -3.80 18.49
N TYR A 21 -7.52 -2.91 17.53
CA TYR A 21 -6.41 -1.95 17.62
C TYR A 21 -6.78 -0.54 18.01
N GLU A 22 -5.93 0.03 18.87
CA GLU A 22 -5.88 1.46 19.13
C GLU A 22 -4.80 2.03 18.24
N ILE A 23 -5.16 3.01 17.41
CA ILE A 23 -4.18 3.62 16.50
C ILE A 23 -4.06 5.13 16.75
N HIS A 24 -2.86 5.54 17.09
CA HIS A 24 -2.52 6.95 17.19
C HIS A 24 -2.27 7.59 15.83
N THR A 25 -2.92 8.70 15.56
CA THR A 25 -2.89 9.31 14.23
C THR A 25 -1.65 10.20 14.16
N TRP A 26 -1.27 10.55 12.93
CA TRP A 26 -0.08 11.36 12.70
C TRP A 26 -0.46 12.75 12.23
N TYR A 27 -1.58 12.85 11.53
CA TYR A 27 -2.05 14.10 10.95
C TYR A 27 -3.55 14.25 11.12
N SER A 28 -4.01 15.50 11.04
CA SER A 28 -5.44 15.76 10.91
C SER A 28 -6.03 15.17 9.62
N SER A 29 -7.32 14.82 9.67
CA SER A 29 -8.05 14.41 8.49
C SER A 29 -9.44 15.06 8.51
N PRO A 30 -9.91 15.56 7.34
CA PRO A 30 -11.14 16.37 7.26
C PRO A 30 -12.43 15.55 7.33
N TYR A 31 -12.58 14.78 8.39
CA TYR A 31 -13.82 14.11 8.72
C TYR A 31 -14.93 15.18 8.87
N PRO A 32 -16.09 14.95 8.23
CA PRO A 32 -17.24 15.89 8.22
C PRO A 32 -17.58 16.44 9.60
N GLN A 33 -17.79 17.75 9.67
CA GLN A 33 -17.87 18.52 10.91
C GLN A 33 -18.66 17.88 12.07
N GLU A 34 -18.09 17.95 13.27
CA GLU A 34 -18.54 17.26 14.51
C GLU A 34 -17.77 15.96 14.74
N TYR A 35 -17.14 15.46 13.68
CA TYR A 35 -16.14 14.38 13.78
C TYR A 35 -14.73 14.99 13.62
N SER A 36 -14.67 16.20 13.08
CA SER A 36 -13.41 16.93 12.92
C SER A 36 -12.93 17.56 14.21
N ARG A 37 -13.79 17.52 15.23
CA ARG A 37 -13.57 18.20 16.51
C ARG A 37 -13.58 17.20 17.66
N LEU A 38 -13.28 15.95 17.35
CA LEU A 38 -13.37 14.83 18.28
C LEU A 38 -11.98 14.24 18.44
N PRO A 39 -11.51 14.06 19.69
CA PRO A 39 -10.18 13.47 19.94
C PRO A 39 -10.08 12.00 19.53
N LYS A 40 -11.17 11.25 19.67
CA LYS A 40 -11.20 9.83 19.32
C LYS A 40 -12.35 9.48 18.37
N LEU A 41 -12.06 8.66 17.36
CA LEU A 41 -13.09 8.12 16.49
C LEU A 41 -13.12 6.61 16.60
N TYR A 42 -14.29 6.03 16.36
CA TYR A 42 -14.44 4.58 16.32
C TYR A 42 -14.81 4.23 14.91
N LEU A 43 -13.97 3.45 14.25
CA LEU A 43 -14.25 3.05 12.87
C LEU A 43 -14.67 1.60 12.82
N CYS A 44 -15.64 1.27 11.96
CA CYS A 44 -15.89 -0.12 11.63
C CYS A 44 -14.69 -0.62 10.80
N GLU A 45 -14.11 -1.74 11.20
CA GLU A 45 -12.89 -2.22 10.54
C GLU A 45 -13.11 -2.74 9.13
N PHE A 46 -14.36 -3.07 8.79
CA PHE A 46 -14.69 -3.65 7.48
C PHE A 46 -15.32 -2.65 6.49
N CYS A 47 -16.19 -1.75 6.95
CA CYS A 47 -16.74 -0.72 6.03
C CYS A 47 -16.12 0.69 6.17
N LEU A 48 -15.35 0.90 7.25
CA LEU A 48 -14.53 2.11 7.48
C LEU A 48 -15.36 3.32 7.86
N LYS A 49 -16.63 3.07 8.16
CA LYS A 49 -17.54 4.06 8.72
C LYS A 49 -17.02 4.60 10.07
N TYR A 50 -17.07 5.92 10.22
CA TYR A 50 -16.65 6.60 11.45
C TYR A 50 -17.85 6.93 12.36
N MET A 51 -17.66 6.68 13.65
CA MET A 51 -18.70 6.86 14.67
C MET A 51 -18.07 7.49 15.89
N LYS A 52 -18.88 8.11 16.73
CA LYS A 52 -18.33 8.91 17.82
C LYS A 52 -18.20 8.21 19.18
N SER A 53 -18.70 6.99 19.30
CA SER A 53 -18.55 6.23 20.55
C SER A 53 -18.49 4.73 20.37
N ARG A 54 -18.04 4.05 21.42
CA ARG A 54 -17.93 2.59 21.45
C ARG A 54 -19.29 1.91 21.31
N THR A 55 -20.27 2.43 22.04
CA THR A 55 -21.62 1.87 22.01
C THR A 55 -22.27 2.01 20.63
N ILE A 56 -22.02 3.14 19.96
CA ILE A 56 -22.51 3.36 18.59
C ILE A 56 -21.83 2.40 17.58
N LEU A 57 -20.51 2.21 17.72
CA LEU A 57 -19.79 1.18 16.98
C LEU A 57 -20.34 -0.23 17.23
N GLN A 58 -20.66 -0.52 18.49
CA GLN A 58 -21.13 -1.83 18.87
C GLN A 58 -22.50 -2.11 18.27
N GLN A 59 -23.39 -1.11 18.30
CA GLN A 59 -24.67 -1.19 17.59
C GLN A 59 -24.50 -1.37 16.08
N HIS A 60 -23.50 -0.70 15.52
CA HIS A 60 -23.21 -0.82 14.08
C HIS A 60 -22.70 -2.22 13.70
N MET A 61 -21.76 -2.76 14.46
CA MET A 61 -21.23 -4.11 14.19
C MET A 61 -22.37 -5.15 14.17
N LYS A 62 -23.46 -4.83 14.87
CA LYS A 62 -24.64 -5.67 14.90
C LYS A 62 -25.46 -5.61 13.61
N LYS A 63 -25.38 -4.50 12.87
CA LYS A 63 -26.10 -4.43 11.58
C LYS A 63 -25.25 -4.47 10.30
N CYS A 64 -23.97 -4.11 10.40
CA CYS A 64 -23.01 -4.23 9.31
C CYS A 64 -22.75 -5.70 9.00
N GLY A 65 -22.85 -6.08 7.74
CA GLY A 65 -22.65 -7.48 7.34
C GLY A 65 -21.32 -7.75 6.64
N TRP A 66 -20.49 -6.72 6.48
CA TRP A 66 -19.22 -6.85 5.76
C TRP A 66 -18.18 -7.56 6.61
N PHE A 67 -17.41 -8.45 5.97
CA PHE A 67 -16.26 -9.08 6.62
C PHE A 67 -14.97 -8.94 5.79
N HIS A 68 -15.05 -8.08 4.78
CA HIS A 68 -13.97 -7.81 3.82
C HIS A 68 -14.35 -6.60 2.94
N PRO A 69 -13.37 -6.02 2.20
CA PRO A 69 -13.68 -4.93 1.26
C PRO A 69 -14.76 -5.26 0.21
N PRO A 70 -15.60 -4.28 -0.16
CA PRO A 70 -16.68 -4.50 -1.13
C PRO A 70 -16.16 -4.54 -2.57
N ALA A 71 -15.50 -5.64 -2.93
CA ALA A 71 -14.80 -5.73 -4.21
C ALA A 71 -14.41 -7.15 -4.48
N ASN A 72 -13.98 -7.41 -5.71
CA ASN A 72 -13.38 -8.68 -6.08
C ASN A 72 -12.01 -8.87 -5.43
N GLU A 73 -11.79 -10.07 -4.93
CA GLU A 73 -10.47 -10.51 -4.48
C GLU A 73 -9.67 -10.91 -5.73
N ILE A 74 -8.57 -10.20 -5.98
CA ILE A 74 -7.75 -10.47 -7.18
C ILE A 74 -6.46 -11.22 -6.83
N TYR A 75 -6.23 -11.36 -5.54
CA TYR A 75 -5.07 -12.08 -5.06
C TYR A 75 -5.37 -12.74 -3.74
N ARG A 76 -4.95 -13.99 -3.59
CA ARG A 76 -4.96 -14.65 -2.30
C ARG A 76 -3.88 -15.69 -2.19
N LYS A 77 -3.09 -15.62 -1.13
CA LYS A 77 -2.12 -16.66 -0.83
C LYS A 77 -2.00 -16.86 0.67
N ASN A 78 -2.36 -18.06 1.11
CA ASN A 78 -2.41 -18.38 2.52
C ASN A 78 -3.37 -17.39 3.16
N ASN A 79 -2.90 -16.60 4.14
CA ASN A 79 -3.74 -15.69 4.89
C ASN A 79 -3.74 -14.22 4.42
N ILE A 80 -3.30 -13.99 3.18
CA ILE A 80 -3.14 -12.61 2.65
C ILE A 80 -4.00 -12.46 1.39
N SER A 81 -4.78 -11.38 1.32
CA SER A 81 -5.62 -11.09 0.15
C SER A 81 -5.34 -9.69 -0.37
N VAL A 82 -5.61 -9.47 -1.65
CA VAL A 82 -5.67 -8.14 -2.22
C VAL A 82 -7.02 -7.98 -2.93
N PHE A 83 -7.76 -6.96 -2.53
CA PHE A 83 -9.04 -6.64 -3.16
C PHE A 83 -8.81 -5.47 -4.11
N GLU A 84 -9.40 -5.53 -5.28
CA GLU A 84 -9.32 -4.43 -6.22
C GLU A 84 -10.64 -3.66 -6.13
N VAL A 85 -10.59 -2.48 -5.51
CA VAL A 85 -11.79 -1.64 -5.31
C VAL A 85 -11.79 -0.45 -6.28
N ASP A 86 -12.91 -0.26 -6.96
CA ASP A 86 -13.07 0.81 -7.93
C ASP A 86 -13.75 1.98 -7.25
N GLY A 87 -13.06 3.13 -7.19
CA GLY A 87 -13.62 4.36 -6.60
C GLY A 87 -14.90 4.86 -7.27
N ASN A 88 -15.12 4.46 -8.52
CA ASN A 88 -16.40 4.73 -9.19
C ASN A 88 -17.60 3.85 -8.73
N VAL A 89 -17.33 2.67 -8.19
CA VAL A 89 -18.36 1.74 -7.75
C VAL A 89 -18.53 1.81 -6.22
N SER A 90 -17.45 1.60 -5.47
CA SER A 90 -17.55 1.62 -4.01
C SER A 90 -17.08 2.94 -3.43
N THR A 91 -17.79 4.00 -3.80
CA THR A 91 -17.34 5.37 -3.59
C THR A 91 -17.25 5.72 -2.11
N ILE A 92 -18.29 5.42 -1.34
CA ILE A 92 -18.34 5.73 0.09
C ILE A 92 -17.18 5.07 0.83
N TYR A 93 -17.04 3.77 0.60
CA TYR A 93 -15.96 2.99 1.15
C TYR A 93 -14.61 3.58 0.80
N CYS A 94 -14.39 3.95 -0.47
CA CYS A 94 -13.13 4.55 -0.90
C CYS A 94 -12.89 5.95 -0.32
N GLN A 95 -13.95 6.74 -0.17
CA GLN A 95 -13.88 8.02 0.56
C GLN A 95 -13.52 7.83 2.03
N ASN A 96 -14.09 6.80 2.68
CA ASN A 96 -13.80 6.48 4.08
C ASN A 96 -12.34 6.05 4.25
N LEU A 97 -11.84 5.30 3.26
CA LEU A 97 -10.45 4.84 3.17
C LEU A 97 -9.44 5.97 2.97
N CYS A 98 -9.79 6.94 2.12
CA CYS A 98 -8.96 8.14 1.93
C CYS A 98 -8.88 9.02 3.19
N LEU A 99 -9.99 9.12 3.91
CA LEU A 99 -10.01 9.84 5.21
C LEU A 99 -9.14 9.15 6.25
N LEU A 100 -9.20 7.83 6.28
CA LEU A 100 -8.34 7.04 7.13
C LEU A 100 -6.88 7.25 6.72
N ALA A 101 -6.60 7.15 5.43
CA ALA A 101 -5.25 7.27 4.93
C ALA A 101 -4.60 8.62 5.28
N LYS A 102 -5.40 9.69 5.22
CA LYS A 102 -4.94 11.05 5.48
C LYS A 102 -4.50 11.28 6.93
N LEU A 103 -4.97 10.43 7.84
CA LEU A 103 -4.47 10.44 9.22
C LEU A 103 -2.99 10.05 9.30
N PHE A 104 -2.44 9.53 8.21
CA PHE A 104 -1.02 9.12 8.17
C PHE A 104 -0.29 9.69 6.96
N LEU A 105 -0.89 10.70 6.33
CA LEU A 105 -0.29 11.41 5.20
C LEU A 105 -0.34 12.91 5.44
N ASP A 106 0.77 13.57 5.13
CA ASP A 106 0.92 15.01 5.34
C ASP A 106 0.04 15.78 4.34
N HIS A 107 -0.11 15.23 3.15
CA HIS A 107 -0.96 15.80 2.13
C HIS A 107 -1.64 14.63 1.45
N THR A 109 -4.77 14.43 -1.92
CA THR A 109 -5.89 14.99 -2.69
C THR A 109 -7.23 14.81 -1.99
N LEU A 110 -8.14 15.75 -2.19
CA LEU A 110 -9.39 15.83 -1.41
C LEU A 110 -10.17 14.53 -1.49
N TYR A 111 -10.72 14.15 -0.35
CA TYR A 111 -11.11 12.77 -0.09
C TYR A 111 -12.27 12.28 -0.91
N TYR A 112 -13.04 13.19 -1.50
CA TYR A 112 -14.24 12.76 -2.17
C TYR A 112 -14.18 12.70 -3.68
N ASP A 113 -12.98 12.78 -4.25
CA ASP A 113 -12.79 12.47 -5.67
C ASP A 113 -12.01 11.15 -5.78
N VAL A 114 -12.74 10.06 -5.68
CA VAL A 114 -12.16 8.72 -5.62
C VAL A 114 -12.39 7.93 -6.91
N GLU A 115 -13.38 8.37 -7.68
CA GLU A 115 -13.72 7.85 -9.01
C GLU A 115 -12.52 7.63 -9.94
N PRO A 116 -11.53 8.57 -9.98
CA PRO A 116 -10.42 8.36 -10.91
C PRO A 116 -9.47 7.22 -10.53
N PHE A 117 -9.68 6.58 -9.38
CA PHE A 117 -8.72 5.64 -8.82
C PHE A 117 -9.25 4.22 -8.66
N LEU A 118 -8.31 3.28 -8.75
CA LEU A 118 -8.52 1.94 -8.21
C LEU A 118 -7.75 1.79 -6.90
N PHE A 119 -8.36 1.09 -5.95
CA PHE A 119 -7.78 0.91 -4.61
C PHE A 119 -7.47 -0.55 -4.39
N TYR A 120 -6.19 -0.87 -4.19
CA TYR A 120 -5.74 -2.24 -4.00
C TYR A 120 -5.55 -2.48 -2.50
N VAL A 121 -6.54 -3.13 -1.90
CA VAL A 121 -6.64 -3.24 -0.45
C VAL A 121 -6.05 -4.55 0.04
N LEU A 122 -5.05 -4.41 0.91
CA LEU A 122 -4.34 -5.52 1.49
C LEU A 122 -5.05 -5.97 2.77
N THR A 123 -5.26 -7.29 2.89
CA THR A 123 -5.88 -7.85 4.07
C THR A 123 -5.09 -9.04 4.59
N GLN A 124 -5.08 -9.17 5.91
CA GLN A 124 -4.61 -10.37 6.59
C GLN A 124 -5.86 -11.06 7.13
N ASN A 125 -6.05 -12.33 6.75
CA ASN A 125 -7.31 -13.02 7.00
C ASN A 125 -7.25 -14.06 8.10
N ASP A 126 -8.33 -14.14 8.85
CA ASP A 126 -8.51 -15.18 9.84
C ASP A 126 -10.00 -15.51 9.97
N VAL A 127 -10.38 -16.18 11.05
CA VAL A 127 -11.75 -16.67 11.22
C VAL A 127 -12.78 -15.53 11.45
N LYS A 128 -12.28 -14.36 11.84
CA LYS A 128 -13.10 -13.17 12.05
C LYS A 128 -13.23 -12.30 10.79
N GLY A 129 -12.55 -12.69 9.71
CA GLY A 129 -12.65 -11.97 8.47
C GLY A 129 -11.33 -11.50 7.89
N CYS A 130 -11.44 -10.65 6.88
CA CYS A 130 -10.31 -10.14 6.14
C CYS A 130 -9.99 -8.75 6.67
N HIS A 131 -8.91 -8.66 7.43
CA HIS A 131 -8.53 -7.44 8.14
C HIS A 131 -7.65 -6.51 7.34
N LEU A 132 -8.09 -5.25 7.20
CA LEU A 132 -7.34 -4.25 6.44
C LEU A 132 -5.97 -4.03 7.05
N VAL A 133 -4.95 -4.21 6.22
CA VAL A 133 -3.57 -3.94 6.59
C VAL A 133 -3.14 -2.59 6.00
N GLY A 134 -3.50 -2.37 4.74
CA GLY A 134 -3.15 -1.16 4.02
C GLY A 134 -3.64 -1.19 2.58
N TYR A 135 -3.15 -0.28 1.76
CA TYR A 135 -3.65 -0.16 0.39
C TYR A 135 -2.66 0.67 -0.43
N PHE A 136 -2.76 0.54 -1.74
CA PHE A 136 -2.22 1.54 -2.63
C PHE A 136 -3.31 1.92 -3.61
N SER A 137 -3.38 3.22 -3.91
CA SER A 137 -4.29 3.69 -4.92
C SER A 137 -3.53 3.82 -6.22
N LYS A 138 -4.27 3.88 -7.31
CA LYS A 138 -3.69 3.87 -8.65
C LYS A 138 -4.68 4.55 -9.57
N GLU A 139 -4.23 5.60 -10.25
CA GLU A 139 -5.06 6.29 -11.24
C GLU A 139 -5.37 5.42 -12.45
N LYS A 140 -6.67 5.32 -12.76
CA LYS A 140 -7.11 4.59 -13.94
C LYS A 140 -6.49 5.08 -15.24
N HIS A 141 -6.42 6.40 -15.42
CA HIS A 141 -5.89 6.99 -16.64
C HIS A 141 -4.84 8.03 -16.26
N CYS A 142 -3.60 7.72 -16.59
CA CYS A 142 -2.48 8.48 -16.09
C CYS A 142 -1.40 8.59 -17.15
N GLN A 143 -1.20 9.80 -17.66
CA GLN A 143 -0.24 10.06 -18.73
C GLN A 143 1.18 9.97 -18.22
N GLN A 144 1.39 10.28 -16.94
CA GLN A 144 2.69 10.13 -16.29
C GLN A 144 3.07 8.67 -16.01
N LYS A 145 2.16 7.73 -16.28
CA LYS A 145 2.38 6.28 -16.04
C LYS A 145 2.81 5.91 -14.61
N TYR A 146 2.16 6.56 -13.65
CA TYR A 146 2.40 6.29 -12.25
C TYR A 146 1.61 5.05 -11.90
N ASN A 147 2.30 4.04 -11.38
CA ASN A 147 1.66 2.78 -11.03
C ASN A 147 1.16 2.71 -9.58
N VAL A 148 1.41 3.80 -8.84
CA VAL A 148 0.90 4.05 -7.49
C VAL A 148 0.73 5.56 -7.36
N SER A 149 -0.41 6.02 -6.85
CA SER A 149 -0.51 7.42 -6.45
C SER A 149 -0.24 7.50 -4.98
N CYS A 150 -0.90 6.63 -4.22
CA CYS A 150 -0.70 6.61 -2.79
C CYS A 150 -0.55 5.22 -2.23
N ILE A 151 0.21 5.13 -1.14
CA ILE A 151 0.45 3.88 -0.47
C ILE A 151 0.53 4.13 1.05
N MET A 152 -0.08 3.23 1.81
CA MET A 152 -0.23 3.41 3.23
C MET A 152 -0.35 2.04 3.87
N ILE A 153 0.53 1.76 4.84
CA ILE A 153 0.36 0.61 5.75
C ILE A 153 -0.02 1.14 7.13
N LEU A 154 -1.08 0.57 7.70
CA LEU A 154 -1.54 0.98 9.03
C LEU A 154 -0.44 0.72 10.09
N PRO A 155 -0.24 1.70 11.03
CA PRO A 155 0.86 1.64 12.01
C PRO A 155 1.07 0.30 12.69
N GLN A 156 -0.01 -0.33 13.14
CA GLN A 156 0.05 -1.61 13.82
C GLN A 156 0.65 -2.76 12.97
N TYR A 157 0.79 -2.54 11.67
CA TYR A 157 1.39 -3.53 10.74
C TYR A 157 2.70 -3.04 10.10
N GLN A 158 3.12 -1.82 10.44
CA GLN A 158 4.29 -1.20 9.79
C GLN A 158 5.57 -1.93 10.13
N ARG A 159 6.55 -1.87 9.24
CA ARG A 159 7.88 -2.48 9.46
C ARG A 159 7.88 -4.00 9.58
N LYS A 160 6.96 -4.67 8.86
CA LYS A 160 6.89 -6.13 8.82
C LYS A 160 7.00 -6.67 7.38
N GLY A 161 7.15 -5.78 6.43
CA GLY A 161 7.32 -6.17 5.05
C GLY A 161 6.05 -6.03 4.26
N TYR A 162 4.98 -5.51 4.87
CA TYR A 162 3.73 -5.32 4.15
C TYR A 162 3.83 -4.21 3.08
N GLY A 163 4.55 -3.14 3.40
CA GLY A 163 4.79 -2.05 2.49
C GLY A 163 5.55 -2.48 1.25
N ARG A 164 6.64 -3.24 1.44
CA ARG A 164 7.40 -3.81 0.32
C ARG A 164 6.57 -4.75 -0.56
N PHE A 165 5.77 -5.62 0.07
CA PHE A 165 4.84 -6.50 -0.62
C PHE A 165 3.92 -5.71 -1.55
N LEU A 166 3.31 -4.64 -1.03
CA LEU A 166 2.43 -3.81 -1.86
C LEU A 166 3.15 -3.15 -3.03
N ILE A 167 4.37 -2.67 -2.80
CA ILE A 167 5.17 -2.06 -3.85
C ILE A 167 5.52 -3.12 -4.90
N ASP A 168 5.91 -4.29 -4.42
CA ASP A 168 6.16 -5.44 -5.27
C ASP A 168 4.90 -5.77 -6.07
N PHE A 169 3.75 -5.76 -5.40
CA PHE A 169 2.46 -6.03 -6.05
C PHE A 169 2.14 -4.96 -7.11
N SER A 170 2.42 -3.68 -6.83
CA SER A 170 2.26 -2.64 -7.83
C SER A 170 3.07 -2.86 -9.11
N TYR A 171 4.29 -3.41 -9.00
CA TYR A 171 5.08 -3.70 -10.19
C TYR A 171 4.63 -4.94 -10.97
N LEU A 172 4.05 -5.91 -10.27
CA LEU A 172 3.46 -7.08 -10.91
C LEU A 172 2.29 -6.69 -11.82
N LEU A 173 1.49 -5.70 -11.41
CA LEU A 173 0.41 -5.18 -12.26
C LEU A 173 0.97 -4.49 -13.49
N SER A 174 1.99 -3.65 -13.28
CA SER A 174 2.78 -3.03 -14.35
C SER A 174 3.32 -4.03 -15.36
N LYS A 175 3.97 -5.08 -14.86
CA LYS A 175 4.56 -6.14 -15.69
C LYS A 175 3.50 -6.87 -16.48
N ARG A 176 2.33 -7.02 -15.87
CA ARG A 176 1.20 -7.69 -16.49
C ARG A 176 0.42 -6.76 -17.45
N GLU A 177 0.61 -5.45 -17.32
CA GLU A 177 0.02 -4.55 -18.31
C GLU A 177 1.02 -4.24 -19.43
N GLY A 178 2.19 -4.88 -19.35
CA GLY A 178 3.25 -4.74 -20.34
C GLY A 178 3.96 -3.40 -20.30
N GLN A 179 3.97 -2.76 -19.12
CA GLN A 179 4.50 -1.42 -18.96
C GLN A 179 5.46 -1.34 -17.77
N ALA A 180 6.42 -0.43 -17.83
CA ALA A 180 7.18 -0.05 -16.65
C ALA A 180 6.39 1.06 -15.95
N GLY A 181 6.42 1.04 -14.62
CA GLY A 181 5.70 2.02 -13.83
C GLY A 181 6.61 2.67 -12.82
N SER A 182 6.09 3.72 -12.19
CA SER A 182 6.84 4.48 -11.19
C SER A 182 5.83 5.07 -10.20
N PRO A 183 6.22 5.19 -8.93
CA PRO A 183 5.34 5.89 -7.98
C PRO A 183 5.17 7.38 -8.28
N GLU A 184 4.03 7.94 -7.93
CA GLU A 184 3.81 9.38 -8.04
C GLU A 184 4.77 10.17 -7.13
N LYS A 185 5.36 11.23 -7.68
CA LYS A 185 6.17 12.18 -6.93
C LYS A 185 5.43 13.50 -6.74
N PRO A 186 5.79 14.27 -5.69
CA PRO A 186 6.77 14.00 -4.62
C PRO A 186 6.42 12.83 -3.70
N LEU A 187 7.45 12.09 -3.30
CA LEU A 187 7.34 11.01 -2.33
C LEU A 187 7.48 11.61 -0.94
N SER A 188 6.77 11.05 0.04
CA SER A 188 7.08 11.35 1.43
C SER A 188 8.45 10.73 1.76
N ASP A 189 9.09 11.21 2.84
CA ASP A 189 10.32 10.59 3.36
C ASP A 189 10.20 9.08 3.56
N LEU A 190 9.12 8.64 4.19
CA LEU A 190 8.86 7.20 4.36
C LEU A 190 8.68 6.48 3.03
N GLY A 191 8.01 7.12 2.07
CA GLY A 191 7.87 6.61 0.70
C GLY A 191 9.21 6.47 0.01
N ARG A 192 10.05 7.48 0.12
CA ARG A 192 11.39 7.45 -0.43
C ARG A 192 12.26 6.28 0.13
N LEU A 193 12.25 6.10 1.46
CA LEU A 193 13.03 5.05 2.08
C LEU A 193 12.52 3.67 1.62
N SER A 194 11.21 3.53 1.56
CA SER A 194 10.58 2.24 1.19
C SER A 194 10.94 1.85 -0.24
N TYR A 195 10.83 2.79 -1.17
CA TYR A 195 11.10 2.50 -2.59
C TYR A 195 12.58 2.28 -2.86
N MET A 196 13.43 3.14 -2.29
N MET A 196 13.44 3.12 -2.31
CA MET A 196 14.86 2.94 -2.33
CA MET A 196 14.87 2.87 -2.40
C MET A 196 15.26 1.55 -1.82
C MET A 196 15.26 1.51 -1.83
N ALA A 197 14.66 1.13 -0.71
CA ALA A 197 14.96 -0.15 -0.08
C ALA A 197 14.52 -1.29 -0.99
N TYR A 198 13.36 -1.11 -1.64
CA TYR A 198 12.83 -2.07 -2.59
C TYR A 198 13.65 -2.20 -3.86
N TRP A 199 14.03 -1.07 -4.47
CA TRP A 199 14.74 -1.05 -5.75
C TRP A 199 16.16 -1.60 -5.62
N LYS A 200 16.87 -1.21 -4.57
CA LYS A 200 18.17 -1.80 -4.24
C LYS A 200 18.14 -3.34 -4.15
N SER A 201 17.17 -3.87 -3.40
CA SER A 201 17.07 -5.32 -3.15
C SER A 201 16.69 -6.08 -4.42
N VAL A 202 15.79 -5.49 -5.22
CA VAL A 202 15.43 -6.06 -6.53
C VAL A 202 16.61 -6.07 -7.50
N ILE A 203 17.36 -4.98 -7.53
CA ILE A 203 18.55 -4.90 -8.37
C ILE A 203 19.68 -5.83 -7.90
N LEU A 204 19.98 -5.82 -6.59
CA LEU A 204 21.03 -6.70 -6.04
C LEU A 204 20.67 -8.17 -6.23
N GLU A 205 19.41 -8.52 -6.03
CA GLU A 205 18.97 -9.91 -6.15
C GLU A 205 18.95 -10.39 -7.58
N CYS A 206 18.62 -9.49 -8.50
CA CYS A 206 18.60 -9.80 -9.92
C CYS A 206 20.03 -10.02 -10.43
N LEU A 207 20.94 -9.10 -10.07
CA LEU A 207 22.36 -9.24 -10.39
C LEU A 207 22.96 -10.53 -9.82
N TYR A 208 22.67 -10.85 -8.56
CA TYR A 208 23.09 -12.14 -7.99
C TYR A 208 22.64 -13.30 -8.86
N HIS A 209 21.42 -13.23 -9.37
CA HIS A 209 20.82 -14.31 -10.15
C HIS A 209 21.06 -14.20 -11.66
N GLN A 210 21.78 -13.15 -12.07
CA GLN A 210 22.13 -12.97 -13.48
C GLN A 210 23.64 -12.96 -13.69
N SER A 216 22.25 -5.09 -18.68
CA SER A 216 21.55 -3.98 -19.34
C SER A 216 20.40 -3.40 -18.51
N ILE A 217 20.23 -2.08 -18.57
CA ILE A 217 19.20 -1.37 -17.82
C ILE A 217 17.80 -1.58 -18.44
N LYS A 218 17.72 -1.56 -19.78
CA LYS A 218 16.44 -1.79 -20.45
C LYS A 218 15.92 -3.22 -20.21
N LYS A 219 16.83 -4.20 -20.20
CA LYS A 219 16.48 -5.59 -19.89
C LYS A 219 16.00 -5.75 -18.44
N LEU A 220 16.76 -5.19 -17.51
CA LEU A 220 16.38 -5.09 -16.10
C LEU A 220 15.00 -4.45 -15.94
N SER A 221 14.71 -3.42 -16.73
CA SER A 221 13.42 -2.76 -16.68
C SER A 221 12.26 -3.69 -17.09
N LYS A 222 12.49 -4.48 -18.14
CA LYS A 222 11.46 -5.40 -18.67
C LYS A 222 11.15 -6.58 -17.73
N LEU A 223 12.19 -7.11 -17.07
CA LEU A 223 12.07 -8.25 -16.18
C LEU A 223 11.37 -7.94 -14.87
N THR A 224 11.23 -6.65 -14.59
CA THR A 224 11.09 -6.16 -13.24
C THR A 224 9.91 -5.17 -13.16
N GLY A 225 9.63 -4.50 -14.27
CA GLY A 225 8.55 -3.51 -14.31
C GLY A 225 8.94 -2.18 -13.69
N ILE A 226 10.14 -2.10 -13.11
CA ILE A 226 10.73 -0.86 -12.63
C ILE A 226 11.20 -0.06 -13.83
N CYS A 227 10.86 1.24 -13.86
CA CYS A 227 11.17 2.09 -15.01
C CYS A 227 12.68 2.40 -15.07
N PRO A 228 13.20 2.72 -16.27
CA PRO A 228 14.59 3.09 -16.48
C PRO A 228 15.12 4.16 -15.53
N GLN A 229 14.34 5.21 -15.26
CA GLN A 229 14.83 6.28 -14.41
C GLN A 229 15.22 5.76 -13.02
N ASP A 230 14.35 4.95 -12.45
CA ASP A 230 14.49 4.48 -11.08
C ASP A 230 15.62 3.45 -10.96
N ILE A 231 15.80 2.64 -11.98
CA ILE A 231 16.92 1.74 -12.05
C ILE A 231 18.23 2.51 -12.13
N THR A 232 18.27 3.50 -13.02
CA THR A 232 19.46 4.29 -13.23
C THR A 232 19.88 5.00 -11.94
N SER A 233 18.92 5.65 -11.27
CA SER A 233 19.21 6.40 -10.05
C SER A 233 19.53 5.49 -8.84
N THR A 234 18.92 4.31 -8.80
CA THR A 234 19.25 3.30 -7.80
C THR A 234 20.66 2.78 -8.04
N LEU A 235 20.99 2.51 -9.29
CA LEU A 235 22.35 2.08 -9.67
C LEU A 235 23.37 3.13 -9.31
N HIS A 236 23.02 4.40 -9.52
CA HIS A 236 23.88 5.52 -9.14
C HIS A 236 24.11 5.57 -7.63
N HIS A 237 23.02 5.50 -6.87
N HIS A 237 23.03 5.49 -6.86
CA HIS A 237 23.06 5.47 -5.41
CA HIS A 237 23.12 5.48 -5.39
C HIS A 237 23.97 4.34 -4.89
C HIS A 237 23.93 4.31 -4.83
N LEU A 238 23.94 3.19 -5.56
CA LEU A 238 24.78 2.04 -5.19
C LEU A 238 26.20 2.12 -5.77
N ARG A 239 26.53 3.28 -6.35
CA ARG A 239 27.75 3.48 -7.15
C ARG A 239 28.07 2.27 -8.04
N MET A 240 27.04 1.81 -8.75
CA MET A 240 27.14 0.68 -9.67
C MET A 240 26.85 1.08 -11.12
N LEU A 241 26.92 2.37 -11.40
CA LEU A 241 26.56 2.87 -12.72
C LEU A 241 27.78 3.43 -13.44
N ILE A 251 28.35 -1.94 -13.84
CA ILE A 251 29.47 -2.15 -12.92
C ILE A 251 29.02 -2.93 -11.68
N ARG A 252 29.47 -4.18 -11.58
CA ARG A 252 29.08 -5.04 -10.47
C ARG A 252 29.98 -4.84 -9.25
N ARG A 253 29.35 -4.56 -8.11
CA ARG A 253 30.04 -4.54 -6.83
C ARG A 253 29.69 -5.84 -6.13
N GLU A 254 30.55 -6.84 -6.35
CA GLU A 254 30.33 -8.21 -5.89
C GLU A 254 30.13 -8.30 -4.38
N LYS A 255 30.99 -7.62 -3.63
CA LYS A 255 30.90 -7.57 -2.17
C LYS A 255 29.51 -7.14 -1.71
N LEU A 256 28.96 -6.10 -2.34
CA LEU A 256 27.65 -5.57 -1.96
C LEU A 256 26.50 -6.54 -2.28
N ILE A 257 26.56 -7.17 -3.45
CA ILE A 257 25.64 -8.22 -3.88
C ILE A 257 25.63 -9.41 -2.91
N GLN A 258 26.82 -9.94 -2.59
CA GLN A 258 26.92 -11.09 -1.67
C GLN A 258 26.36 -10.78 -0.28
N ASP A 259 26.74 -9.61 0.25
CA ASP A 259 26.30 -9.19 1.59
C ASP A 259 24.78 -9.02 1.69
N HIS A 260 24.17 -8.45 0.65
CA HIS A 260 22.72 -8.33 0.62
C HIS A 260 22.05 -9.69 0.60
N MET A 261 22.59 -10.61 -0.19
CA MET A 261 22.09 -11.98 -0.28
C MET A 261 22.21 -12.73 1.06
N ALA A 262 23.20 -12.35 1.86
CA ALA A 262 23.35 -12.82 3.25
C ALA A 262 22.35 -12.14 4.21
N LYS A 263 22.08 -10.85 4.01
CA LYS A 263 21.04 -10.12 4.77
C LYS A 263 19.66 -10.77 4.58
N LEU A 264 19.29 -10.98 3.32
CA LEU A 264 18.16 -11.84 2.96
C LEU A 264 18.56 -13.27 3.35
N GLN A 265 17.60 -14.15 3.60
CA GLN A 265 17.90 -15.49 4.15
C GLN A 265 18.21 -15.44 5.65
N LEU A 266 18.49 -14.24 6.16
CA LEU A 266 18.67 -14.00 7.59
C LEU A 266 17.37 -13.42 8.18
N ARG A 269 11.91 -12.93 4.10
CA ARG A 269 10.78 -12.23 3.51
C ARG A 269 9.53 -13.10 3.63
N PRO A 270 8.92 -13.15 4.84
CA PRO A 270 7.76 -14.05 5.04
C PRO A 270 6.50 -13.62 4.30
N VAL A 271 6.41 -12.34 3.92
CA VAL A 271 5.28 -11.81 3.14
C VAL A 271 5.82 -11.48 1.75
N ASP A 272 5.35 -12.22 0.74
CA ASP A 272 6.01 -12.20 -0.56
C ASP A 272 5.03 -12.49 -1.69
N VAL A 273 5.08 -11.67 -2.74
CA VAL A 273 4.16 -11.80 -3.88
C VAL A 273 4.44 -13.03 -4.74
N ASP A 274 3.41 -13.84 -4.91
CA ASP A 274 3.44 -14.99 -5.81
C ASP A 274 2.55 -14.68 -7.03
N PRO A 275 3.18 -14.39 -8.20
CA PRO A 275 2.46 -14.02 -9.42
C PRO A 275 1.40 -15.03 -9.87
N GLU A 276 1.56 -16.30 -9.52
CA GLU A 276 0.58 -17.31 -9.88
C GLU A 276 -0.70 -17.24 -9.04
N CYS A 277 -0.66 -16.50 -7.94
CA CYS A 277 -1.84 -16.29 -7.10
C CYS A 277 -2.68 -15.09 -7.52
N LEU A 278 -2.25 -14.41 -8.57
CA LEU A 278 -2.98 -13.29 -9.16
C LEU A 278 -4.13 -13.77 -10.08
N ARG A 279 -5.35 -13.35 -9.78
CA ARG A 279 -6.51 -13.55 -10.65
C ARG A 279 -6.91 -12.23 -11.31
N TRP A 280 -6.12 -11.77 -12.27
CA TRP A 280 -6.26 -10.42 -12.84
C TRP A 280 -5.88 -10.38 -14.32
#